data_5F3R
#
_entry.id   5F3R
#
_cell.length_a   85.989
_cell.length_b   85.989
_cell.length_c   126.151
_cell.angle_alpha   90.000
_cell.angle_beta   90.000
_cell.angle_gamma   90.000
#
_symmetry.space_group_name_H-M   'P 41 21 2'
#
loop_
_entity.id
_entity.type
_entity.pdbx_description
1 polymer 'UDP-galactopyranose mutase'
2 non-polymer 'FLAVIN-ADENINE DINUCLEOTIDE'
3 non-polymer 'MAGNESIUM ION'
4 non-polymer 'DIMETHYL SULFOXIDE'
5 water water
#
_entity_poly.entity_id   1
_entity_poly.type   'polypeptide(L)'
_entity_poly.pdbx_seq_one_letter_code
;MTSISHPVAPSQSTGNFDLFVVGSGFFGLTIAERAATQLGKRVLVIERRPHIGGNAYSEPEPETGIEVHKYGAHLFHTSN
KRVWDYVRQFTDFTGYQHRVFAMHNGQAYQFPMGLGLVSQFFGRYFSPDEARALIAEQASEIDTKDAKNFEEKAISLVGR
PLYEAFIKHYTAKQWQTDPKDLPASNITRLPVRYTFDNRYFNDTYEGLPVEGYTKWLENMAADERIEVRLDTDWFDVRDD
LRAANPDAPVVYTGPLDRYFDYAEGRLGWRTLDFELEVLETGDFQGTPVMNYNDLDVPYTRIHEFRHFHPERTYPTDKTV
IMREYSRFADNDDEPYYPINTEADRAVLAAYRARAKAETASAKVLFGGRLGTYQYLDMHMAIASALSMFDNVLAPHLSEG
ASLVTEDESSKAHHHHHH
;
_entity_poly.pdbx_strand_id   A
#
loop_
_chem_comp.id
_chem_comp.type
_chem_comp.name
_chem_comp.formula
DMS non-polymer 'DIMETHYL SULFOXIDE' 'C2 H6 O S'
FAD non-polymer 'FLAVIN-ADENINE DINUCLEOTIDE' 'C27 H33 N9 O15 P2'
MG non-polymer 'MAGNESIUM ION' 'Mg 2'
#
# COMPACT_ATOMS: atom_id res chain seq x y z
N GLY A 15 -1.60 6.88 33.44
CA GLY A 15 -1.40 8.31 33.61
C GLY A 15 -2.26 9.14 32.66
N ASN A 16 -1.90 10.41 32.52
CA ASN A 16 -2.69 11.36 31.73
C ASN A 16 -2.27 11.41 30.28
N PHE A 17 -3.23 11.70 29.40
CA PHE A 17 -2.92 11.82 27.98
C PHE A 17 -3.52 13.07 27.37
N ASP A 18 -2.76 13.70 26.49
CA ASP A 18 -3.23 14.86 25.76
C ASP A 18 -3.88 14.46 24.45
N LEU A 19 -3.55 13.26 23.98
CA LEU A 19 -3.94 12.83 22.63
C LEU A 19 -4.06 11.31 22.52
N PHE A 20 -5.15 10.84 21.90
CA PHE A 20 -5.31 9.42 21.59
C PHE A 20 -5.11 9.21 20.10
N VAL A 21 -4.29 8.23 19.75
CA VAL A 21 -4.18 7.76 18.37
C VAL A 21 -4.62 6.32 18.30
N VAL A 22 -5.56 6.02 17.43
CA VAL A 22 -5.99 4.64 17.26
C VAL A 22 -5.34 4.07 16.01
N GLY A 23 -4.47 3.09 16.19
CA GLY A 23 -3.75 2.49 15.08
C GLY A 23 -2.30 2.95 15.06
N SER A 24 -1.40 1.98 14.88
CA SER A 24 0.04 2.25 14.96
C SER A 24 0.73 2.00 13.60
N GLY A 25 0.02 2.22 12.50
CA GLY A 25 0.62 2.21 11.17
C GLY A 25 1.39 3.51 10.94
N PHE A 26 1.88 3.74 9.71
CA PHE A 26 2.65 4.95 9.43
C PHE A 26 1.83 6.24 9.69
N PHE A 27 0.55 6.25 9.34
CA PHE A 27 -0.27 7.44 9.63
C PHE A 27 -0.33 7.71 11.13
N GLY A 28 -0.71 6.68 11.89
CA GLY A 28 -0.86 6.82 13.32
C GLY A 28 0.43 7.24 13.99
N LEU A 29 1.53 6.59 13.64
CA LEU A 29 2.78 6.87 14.33
C LEU A 29 3.34 8.23 13.92
N THR A 30 3.07 8.67 12.70
CA THR A 30 3.48 10.02 12.31
C THR A 30 2.78 11.06 13.18
N ILE A 31 1.47 10.89 13.38
CA ILE A 31 0.72 11.79 14.25
C ILE A 31 1.23 11.79 15.68
N ALA A 32 1.38 10.58 16.23
CA ALA A 32 1.82 10.43 17.62
C ALA A 32 3.20 11.03 17.83
N GLU A 33 4.10 10.80 16.86
CA GLU A 33 5.46 11.29 17.02
C GLU A 33 5.49 12.82 16.95
N ARG A 34 4.70 13.39 16.05
CA ARG A 34 4.83 14.81 15.81
C ARG A 34 4.24 15.53 17.05
N ALA A 35 3.16 15.00 17.61
CA ALA A 35 2.58 15.56 18.83
C ALA A 35 3.52 15.49 20.03
N ALA A 36 4.25 14.40 20.13
CA ALA A 36 5.14 14.18 21.26
C ALA A 36 6.34 15.10 21.17
N THR A 37 6.99 15.15 20.00
CA THR A 37 8.26 15.83 19.89
C THR A 37 8.12 17.30 19.51
N GLN A 38 6.99 17.69 18.93
CA GLN A 38 6.89 19.05 18.44
C GLN A 38 5.98 19.91 19.33
N LEU A 39 5.14 19.27 20.13
CA LEU A 39 4.27 20.00 21.04
C LEU A 39 4.44 19.56 22.49
N GLY A 40 5.24 18.51 22.70
CA GLY A 40 5.53 18.00 24.03
C GLY A 40 4.40 17.18 24.63
N LYS A 41 3.46 16.74 23.79
CA LYS A 41 2.21 16.15 24.28
C LYS A 41 2.30 14.67 24.67
N ARG A 42 1.53 14.30 25.69
CA ARG A 42 1.42 12.89 26.10
C ARG A 42 0.46 12.15 25.19
N VAL A 43 0.97 11.14 24.49
CA VAL A 43 0.18 10.43 23.50
C VAL A 43 0.02 8.95 23.80
N LEU A 44 -1.22 8.46 23.76
CA LEU A 44 -1.46 7.03 23.87
C LEU A 44 -1.89 6.46 22.53
N VAL A 45 -1.17 5.45 22.08
CA VAL A 45 -1.50 4.74 20.83
C VAL A 45 -2.15 3.41 21.18
N ILE A 46 -3.39 3.24 20.75
CA ILE A 46 -4.09 1.97 20.95
C ILE A 46 -4.05 1.16 19.65
N GLU A 47 -3.52 -0.05 19.76
CA GLU A 47 -3.34 -0.95 18.62
C GLU A 47 -3.90 -2.36 18.91
N ARG A 48 -4.79 -2.85 18.05
CA ARG A 48 -5.49 -4.08 18.35
C ARG A 48 -4.63 -5.32 18.03
N ARG A 49 -3.73 -5.19 17.06
CA ARG A 49 -2.83 -6.28 16.73
C ARG A 49 -1.81 -6.49 17.84
N PRO A 50 -1.13 -7.66 17.84
CA PRO A 50 -0.10 -7.93 18.84
C PRO A 50 1.27 -7.35 18.47
N HIS A 51 1.30 -6.52 17.43
CA HIS A 51 2.53 -5.89 16.99
C HIS A 51 2.21 -4.49 16.47
N ILE A 52 3.20 -3.61 16.41
CA ILE A 52 2.95 -2.28 15.86
C ILE A 52 3.27 -2.23 14.37
N GLY A 53 3.03 -1.07 13.78
CA GLY A 53 3.44 -0.82 12.39
C GLY A 53 2.35 -0.98 11.35
N GLY A 54 1.19 -1.48 11.74
CA GLY A 54 0.14 -1.68 10.76
C GLY A 54 0.66 -2.63 9.70
N ASN A 55 0.31 -2.39 8.44
CA ASN A 55 0.60 -3.38 7.40
C ASN A 55 2.05 -3.33 6.92
N ALA A 56 2.83 -2.37 7.42
CA ALA A 56 4.25 -2.29 7.04
C ALA A 56 5.12 -3.17 7.96
N TYR A 57 4.50 -3.81 8.93
CA TYR A 57 5.24 -4.68 9.87
C TYR A 57 6.03 -5.77 9.17
N SER A 58 7.29 -5.95 9.58
CA SER A 58 8.09 -7.02 9.04
C SER A 58 8.70 -7.84 10.19
N GLU A 59 9.15 -9.04 9.87
CA GLU A 59 9.69 -9.94 10.88
C GLU A 59 10.55 -11.00 10.23
N PRO A 60 11.60 -11.44 10.92
CA PRO A 60 12.45 -12.49 10.34
C PRO A 60 11.72 -13.83 10.31
N GLU A 61 11.79 -14.55 9.19
CA GLU A 61 11.34 -15.93 9.16
C GLU A 61 12.32 -16.75 10.01
N PRO A 62 11.81 -17.59 10.92
CA PRO A 62 12.63 -18.27 11.93
C PRO A 62 13.69 -19.21 11.38
N GLU A 63 13.33 -20.04 10.41
CA GLU A 63 14.25 -21.05 9.91
C GLU A 63 15.46 -20.40 9.24
N THR A 64 15.25 -19.26 8.58
CA THR A 64 16.30 -18.65 7.75
C THR A 64 16.83 -17.31 8.26
N GLY A 65 16.12 -16.66 9.16
CA GLY A 65 16.50 -15.31 9.56
C GLY A 65 16.11 -14.20 8.58
N ILE A 66 15.57 -14.55 7.43
CA ILE A 66 15.27 -13.57 6.38
C ILE A 66 14.07 -12.66 6.72
N GLU A 67 14.25 -11.35 6.59
CA GLU A 67 13.14 -10.42 6.87
C GLU A 67 12.00 -10.57 5.88
N VAL A 68 10.80 -10.84 6.38
CA VAL A 68 9.66 -10.98 5.48
C VAL A 68 8.62 -9.88 5.76
N HIS A 69 8.08 -9.32 4.69
CA HIS A 69 7.03 -8.32 4.85
C HIS A 69 5.72 -9.08 4.99
N LYS A 70 5.19 -9.09 6.21
CA LYS A 70 4.05 -9.94 6.59
C LYS A 70 2.72 -9.60 5.89
N TYR A 71 2.53 -8.36 5.45
CA TYR A 71 1.25 -8.04 4.80
C TYR A 71 1.46 -7.60 3.36
N GLY A 72 2.42 -8.22 2.68
CA GLY A 72 2.71 -7.85 1.31
C GLY A 72 4.02 -7.10 1.21
N ALA A 73 4.63 -7.17 0.03
CA ALA A 73 5.92 -6.55 -0.20
C ALA A 73 5.77 -5.04 -0.08
N HIS A 74 6.63 -4.42 0.72
CA HIS A 74 6.58 -2.97 0.92
C HIS A 74 7.84 -2.33 0.35
N LEU A 75 7.68 -1.53 -0.70
CA LEU A 75 8.81 -0.83 -1.32
C LEU A 75 8.63 0.67 -1.11
N PHE A 76 9.61 1.31 -0.47
CA PHE A 76 9.49 2.73 -0.22
C PHE A 76 10.00 3.58 -1.38
N HIS A 77 9.19 4.54 -1.82
CA HIS A 77 9.56 5.50 -2.85
C HIS A 77 8.78 6.80 -2.67
N THR A 78 9.39 7.93 -2.98
CA THR A 78 8.66 9.20 -2.91
C THR A 78 9.39 10.28 -3.70
N SER A 79 8.63 11.29 -4.14
CA SER A 79 9.23 12.47 -4.77
C SER A 79 8.99 13.66 -3.87
N ASN A 80 8.47 13.37 -2.68
CA ASN A 80 8.20 14.41 -1.68
C ASN A 80 9.44 14.61 -0.80
N LYS A 81 10.15 15.70 -1.00
CA LYS A 81 11.37 16.01 -0.26
C LYS A 81 11.14 16.14 1.26
N ARG A 82 10.03 16.74 1.64
N ARG A 82 10.03 16.76 1.65
CA ARG A 82 9.69 16.90 3.04
CA ARG A 82 9.69 16.91 3.05
C ARG A 82 9.54 15.56 3.72
C ARG A 82 9.54 15.55 3.72
N VAL A 83 8.83 14.63 3.06
CA VAL A 83 8.63 13.30 3.61
C VAL A 83 9.97 12.58 3.69
N TRP A 84 10.75 12.66 2.61
CA TRP A 84 12.07 12.01 2.55
C TRP A 84 13.00 12.47 3.70
N ASP A 85 12.97 13.76 4.01
CA ASP A 85 13.76 14.30 5.11
C ASP A 85 13.19 13.82 6.45
N TYR A 86 11.87 13.74 6.55
CA TYR A 86 11.23 13.30 7.78
C TYR A 86 11.55 11.85 8.11
N VAL A 87 11.33 10.93 7.17
CA VAL A 87 11.53 9.51 7.47
C VAL A 87 12.99 9.18 7.75
N ARG A 88 13.92 9.90 7.14
CA ARG A 88 15.34 9.56 7.34
C ARG A 88 15.84 9.86 8.77
N GLN A 89 15.00 10.47 9.60
CA GLN A 89 15.33 10.70 11.00
C GLN A 89 15.15 9.43 11.81
N PHE A 90 14.49 8.45 11.22
CA PHE A 90 14.10 7.24 11.96
C PHE A 90 14.73 6.00 11.38
N THR A 91 15.37 6.14 10.24
CA THR A 91 16.00 5.01 9.56
C THR A 91 16.94 5.48 8.46
N ASP A 92 17.91 4.64 8.14
CA ASP A 92 18.72 4.81 6.94
C ASP A 92 18.09 3.97 5.85
N PHE A 93 18.37 4.31 4.59
CA PHE A 93 17.87 3.57 3.44
C PHE A 93 18.99 2.96 2.63
N THR A 94 18.76 1.76 2.09
CA THR A 94 19.67 1.16 1.13
C THR A 94 19.44 1.80 -0.25
N GLY A 95 20.28 1.43 -1.22
CA GLY A 95 20.16 1.94 -2.57
C GLY A 95 19.29 1.07 -3.46
N TYR A 96 18.48 0.23 -2.84
CA TYR A 96 17.57 -0.64 -3.60
C TYR A 96 16.76 0.13 -4.67
N GLN A 97 16.67 -0.43 -5.87
CA GLN A 97 15.74 0.05 -6.88
C GLN A 97 14.85 -1.10 -7.30
N HIS A 98 13.54 -0.91 -7.24
CA HIS A 98 12.61 -1.99 -7.58
C HIS A 98 12.58 -2.27 -9.07
N ARG A 99 12.67 -3.56 -9.39
CA ARG A 99 12.46 -4.05 -10.74
C ARG A 99 11.62 -5.31 -10.67
N VAL A 100 10.79 -5.49 -11.68
CA VAL A 100 9.82 -6.58 -11.69
C VAL A 100 10.00 -7.35 -12.96
N PHE A 101 9.90 -8.68 -12.91
CA PHE A 101 9.86 -9.49 -14.12
C PHE A 101 8.51 -10.20 -14.28
N ALA A 102 8.20 -10.63 -15.49
CA ALA A 102 6.92 -11.26 -15.78
C ALA A 102 7.10 -12.62 -16.44
N MET A 103 6.41 -13.63 -15.90
CA MET A 103 6.45 -14.98 -16.43
C MET A 103 5.24 -15.24 -17.32
N HIS A 104 5.49 -15.51 -18.60
CA HIS A 104 4.41 -15.80 -19.53
C HIS A 104 4.76 -16.96 -20.44
N ASN A 105 3.93 -18.00 -20.42
CA ASN A 105 4.15 -19.18 -21.24
C ASN A 105 5.57 -19.75 -21.11
N GLY A 106 6.04 -19.92 -19.89
CA GLY A 106 7.32 -20.58 -19.66
C GLY A 106 8.55 -19.72 -19.88
N GLN A 107 8.34 -18.43 -20.14
CA GLN A 107 9.47 -17.52 -20.35
C GLN A 107 9.35 -16.32 -19.42
N ALA A 108 10.50 -15.83 -18.97
CA ALA A 108 10.61 -14.68 -18.09
C ALA A 108 10.87 -13.42 -18.91
N TYR A 109 10.02 -12.41 -18.76
CA TYR A 109 10.12 -11.18 -19.57
C TYR A 109 10.52 -9.99 -18.74
N GLN A 110 11.37 -9.14 -19.30
CA GLN A 110 11.56 -7.79 -18.79
C GLN A 110 10.19 -7.11 -18.71
N PHE A 111 10.05 -6.22 -17.74
CA PHE A 111 8.75 -5.67 -17.38
C PHE A 111 9.06 -4.38 -16.63
N PRO A 112 8.20 -3.37 -16.73
CA PRO A 112 6.94 -3.27 -17.47
C PRO A 112 7.15 -3.28 -18.97
N MET A 113 6.06 -3.18 -19.72
CA MET A 113 6.12 -3.18 -21.18
C MET A 113 7.06 -2.10 -21.69
N GLY A 114 8.06 -2.52 -22.46
CA GLY A 114 9.08 -1.62 -22.96
C GLY A 114 9.84 -2.31 -24.08
N LEU A 115 10.94 -1.72 -24.52
CA LEU A 115 11.67 -2.28 -25.65
C LEU A 115 12.15 -3.70 -25.38
N GLY A 116 12.52 -3.97 -24.13
CA GLY A 116 12.97 -5.32 -23.75
C GLY A 116 11.89 -6.37 -23.97
N LEU A 117 10.74 -6.17 -23.33
CA LEU A 117 9.60 -7.09 -23.45
C LEU A 117 9.20 -7.22 -24.92
N VAL A 118 9.11 -6.09 -25.61
CA VAL A 118 8.64 -6.10 -26.99
C VAL A 118 9.57 -6.93 -27.88
N SER A 119 10.87 -6.71 -27.73
CA SER A 119 11.84 -7.45 -28.50
C SER A 119 11.77 -8.95 -28.18
N GLN A 120 11.67 -9.28 -26.89
CA GLN A 120 11.53 -10.67 -26.47
C GLN A 120 10.29 -11.31 -27.04
N PHE A 121 9.16 -10.67 -26.81
CA PHE A 121 7.88 -11.24 -27.18
C PHE A 121 7.73 -11.41 -28.68
N PHE A 122 8.17 -10.42 -29.45
CA PHE A 122 7.97 -10.49 -30.90
C PHE A 122 9.13 -11.16 -31.62
N GLY A 123 10.21 -11.47 -30.89
CA GLY A 123 11.26 -12.31 -31.43
C GLY A 123 12.42 -11.64 -32.15
N ARG A 124 12.47 -10.31 -32.11
CA ARG A 124 13.60 -9.61 -32.68
C ARG A 124 13.66 -8.19 -32.13
N TYR A 125 14.80 -7.54 -32.33
CA TYR A 125 14.99 -6.19 -31.83
C TYR A 125 14.05 -5.20 -32.50
N PHE A 126 13.29 -4.49 -31.70
CA PHE A 126 12.57 -3.30 -32.19
C PHE A 126 13.16 -2.02 -31.62
N SER A 127 13.64 -1.15 -32.51
CA SER A 127 14.12 0.17 -32.13
C SER A 127 12.96 1.00 -31.57
N PRO A 128 13.27 2.11 -30.87
CA PRO A 128 12.22 3.02 -30.38
C PRO A 128 11.21 3.42 -31.47
N ASP A 129 11.69 3.81 -32.64
CA ASP A 129 10.77 4.20 -33.71
C ASP A 129 9.97 3.01 -34.23
N GLU A 130 10.63 1.86 -34.37
CA GLU A 130 9.93 0.70 -34.89
C GLU A 130 8.93 0.16 -33.89
N ALA A 131 9.27 0.20 -32.61
CA ALA A 131 8.33 -0.25 -31.59
C ALA A 131 7.10 0.63 -31.56
N ARG A 132 7.32 1.95 -31.55
CA ARG A 132 6.22 2.91 -31.62
C ARG A 132 5.29 2.55 -32.75
N ALA A 133 5.88 2.29 -33.91
CA ALA A 133 5.10 1.99 -35.11
C ALA A 133 4.34 0.67 -34.94
N LEU A 134 4.98 -0.32 -34.32
CA LEU A 134 4.33 -1.60 -34.12
C LEU A 134 3.07 -1.46 -33.25
N ILE A 135 3.26 -0.89 -32.06
CA ILE A 135 2.16 -0.70 -31.12
C ILE A 135 1.03 0.10 -31.74
N ALA A 136 1.39 1.19 -32.42
CA ALA A 136 0.40 2.04 -33.08
C ALA A 136 -0.51 1.23 -33.99
N GLU A 137 0.11 0.42 -34.83
CA GLU A 137 -0.60 -0.41 -35.80
C GLU A 137 -1.49 -1.46 -35.14
N GLN A 138 -0.98 -2.14 -34.11
CA GLN A 138 -1.75 -3.20 -33.49
C GLN A 138 -2.88 -2.63 -32.62
N ALA A 139 -2.61 -1.52 -31.95
CA ALA A 139 -3.63 -0.88 -31.12
C ALA A 139 -4.73 -0.23 -31.98
N SER A 140 -4.50 -0.09 -33.28
CA SER A 140 -5.51 0.49 -34.14
C SER A 140 -6.68 -0.46 -34.36
N GLU A 141 -6.58 -1.70 -33.88
CA GLU A 141 -7.68 -2.65 -34.03
C GLU A 141 -8.96 -2.07 -33.43
N ILE A 142 -8.85 -1.41 -32.29
CA ILE A 142 -10.02 -0.78 -31.69
C ILE A 142 -9.73 0.70 -31.50
N ASP A 143 -10.72 1.54 -31.75
CA ASP A 143 -10.61 2.96 -31.48
C ASP A 143 -10.95 3.23 -30.02
N THR A 144 -10.05 3.93 -29.32
CA THR A 144 -10.15 4.08 -27.87
C THR A 144 -11.49 4.67 -27.42
N LYS A 145 -12.01 5.63 -28.17
CA LYS A 145 -13.26 6.23 -27.74
C LYS A 145 -14.46 5.31 -28.03
N ASP A 146 -14.27 4.30 -28.88
CA ASP A 146 -15.31 3.28 -29.09
C ASP A 146 -15.29 2.16 -28.03
N ALA A 147 -14.26 2.18 -27.18
CA ALA A 147 -14.04 1.10 -26.22
C ALA A 147 -15.22 0.95 -25.28
N LYS A 148 -15.75 -0.27 -25.21
CA LYS A 148 -16.95 -0.54 -24.44
C LYS A 148 -16.61 -0.92 -22.99
N ASN A 149 -15.40 -1.41 -22.78
CA ASN A 149 -14.96 -1.88 -21.46
C ASN A 149 -13.44 -1.87 -21.31
N PHE A 150 -12.98 -2.36 -20.15
CA PHE A 150 -11.55 -2.46 -19.85
C PHE A 150 -10.79 -3.20 -20.93
N GLU A 151 -11.29 -4.37 -21.33
CA GLU A 151 -10.61 -5.22 -22.30
C GLU A 151 -10.37 -4.49 -23.61
N GLU A 152 -11.44 -3.90 -24.13
CA GLU A 152 -11.35 -3.17 -25.39
C GLU A 152 -10.45 -1.94 -25.28
N LYS A 153 -10.50 -1.23 -24.15
CA LYS A 153 -9.69 -0.02 -24.03
C LYS A 153 -8.23 -0.38 -23.98
N ALA A 154 -7.90 -1.48 -23.31
CA ALA A 154 -6.52 -1.92 -23.21
C ALA A 154 -6.01 -2.31 -24.58
N ILE A 155 -6.81 -3.04 -25.34
CA ILE A 155 -6.44 -3.39 -26.70
C ILE A 155 -6.26 -2.13 -27.57
N SER A 156 -7.11 -1.13 -27.38
CA SER A 156 -7.00 0.10 -28.15
C SER A 156 -5.76 0.92 -27.80
N LEU A 157 -5.07 0.53 -26.73
CA LEU A 157 -3.89 1.25 -26.28
C LEU A 157 -2.56 0.52 -26.53
N VAL A 158 -2.56 -0.80 -26.35
CA VAL A 158 -1.31 -1.56 -26.55
C VAL A 158 -1.43 -2.66 -27.59
N GLY A 159 -2.62 -2.85 -28.15
CA GLY A 159 -2.82 -3.86 -29.17
C GLY A 159 -3.17 -5.21 -28.59
N ARG A 160 -3.79 -6.06 -29.39
CA ARG A 160 -4.26 -7.34 -28.86
C ARG A 160 -3.16 -8.31 -28.44
N PRO A 161 -2.09 -8.48 -29.26
CA PRO A 161 -1.09 -9.46 -28.84
C PRO A 161 -0.52 -9.19 -27.43
N LEU A 162 -0.11 -7.95 -27.16
CA LEU A 162 0.42 -7.61 -25.84
C LEU A 162 -0.65 -7.71 -24.76
N TYR A 163 -1.87 -7.26 -25.09
CA TYR A 163 -2.95 -7.34 -24.11
C TYR A 163 -3.22 -8.79 -23.67
N GLU A 164 -3.36 -9.71 -24.63
CA GLU A 164 -3.72 -11.09 -24.31
C GLU A 164 -2.62 -11.84 -23.58
N ALA A 165 -1.36 -11.46 -23.84
CA ALA A 165 -0.23 -12.12 -23.21
C ALA A 165 0.04 -11.64 -21.79
N PHE A 166 0.08 -10.33 -21.58
CA PHE A 166 0.54 -9.80 -20.31
C PHE A 166 -0.51 -9.05 -19.49
N ILE A 167 -1.68 -8.80 -20.06
CA ILE A 167 -2.65 -8.02 -19.32
C ILE A 167 -3.92 -8.81 -18.96
N LYS A 168 -4.47 -9.53 -19.95
CA LYS A 168 -5.79 -10.17 -19.81
C LYS A 168 -5.93 -11.01 -18.54
N HIS A 169 -5.18 -12.08 -18.46
CA HIS A 169 -5.34 -13.02 -17.35
C HIS A 169 -4.79 -12.48 -16.03
N TYR A 170 -3.77 -11.63 -16.09
CA TYR A 170 -3.25 -11.03 -14.86
C TYR A 170 -4.32 -10.14 -14.25
N THR A 171 -4.96 -9.33 -15.09
CA THR A 171 -6.08 -8.50 -14.67
C THR A 171 -7.20 -9.34 -14.09
N ALA A 172 -7.54 -10.43 -14.77
CA ALA A 172 -8.64 -11.27 -14.30
C ALA A 172 -8.34 -11.79 -12.91
N LYS A 173 -7.09 -12.20 -12.68
CA LYS A 173 -6.66 -12.72 -11.38
C LYS A 173 -6.63 -11.61 -10.32
N GLN A 174 -6.05 -10.46 -10.67
CA GLN A 174 -5.90 -9.40 -9.67
C GLN A 174 -7.23 -8.76 -9.28
N TRP A 175 -8.14 -8.63 -10.24
CA TRP A 175 -9.42 -7.98 -9.96
C TRP A 175 -10.53 -8.99 -9.64
N GLN A 176 -10.27 -10.27 -9.89
CA GLN A 176 -11.27 -11.32 -9.63
C GLN A 176 -12.53 -11.05 -10.46
N THR A 177 -12.33 -10.49 -11.64
CA THR A 177 -13.40 -10.09 -12.54
C THR A 177 -12.91 -10.25 -13.98
N ASP A 178 -13.74 -10.78 -14.87
CA ASP A 178 -13.40 -10.81 -16.29
C ASP A 178 -13.22 -9.39 -16.80
N PRO A 179 -12.08 -9.12 -17.47
CA PRO A 179 -11.79 -7.76 -17.95
C PRO A 179 -12.88 -7.19 -18.88
N LYS A 180 -13.67 -8.02 -19.54
CA LYS A 180 -14.82 -7.51 -20.32
C LYS A 180 -15.92 -6.92 -19.45
N ASP A 181 -15.91 -7.24 -18.16
CA ASP A 181 -16.95 -6.77 -17.25
C ASP A 181 -16.44 -5.63 -16.36
N LEU A 182 -15.22 -5.18 -16.62
CA LEU A 182 -14.69 -4.00 -15.95
C LEU A 182 -14.91 -2.79 -16.84
N PRO A 183 -15.22 -1.63 -16.24
CA PRO A 183 -15.51 -0.47 -17.09
C PRO A 183 -14.25 0.05 -17.77
N ALA A 184 -14.40 0.52 -19.01
CA ALA A 184 -13.33 1.19 -19.74
C ALA A 184 -12.77 2.34 -18.91
N SER A 185 -13.63 2.87 -18.06
CA SER A 185 -13.36 3.99 -17.18
C SER A 185 -12.11 3.79 -16.32
N ASN A 186 -11.81 2.56 -15.93
CA ASN A 186 -10.66 2.33 -15.05
C ASN A 186 -9.29 2.28 -15.75
N ILE A 187 -9.23 2.70 -17.00
CA ILE A 187 -7.93 2.90 -17.64
C ILE A 187 -7.77 4.31 -18.16
N THR A 188 -6.81 5.01 -17.56
CA THR A 188 -6.40 6.32 -17.98
C THR A 188 -5.46 6.22 -19.18
N ARG A 189 -4.23 5.81 -18.91
CA ARG A 189 -3.24 5.51 -19.95
C ARG A 189 -2.73 4.09 -19.72
N LEU A 190 -2.08 3.53 -20.73
CA LEU A 190 -1.46 2.23 -20.59
C LEU A 190 -0.18 2.26 -21.41
N PRO A 191 0.83 2.99 -20.90
CA PRO A 191 2.00 3.30 -21.71
C PRO A 191 2.89 2.08 -21.94
N VAL A 192 3.49 2.06 -23.12
CA VAL A 192 4.61 1.18 -23.39
C VAL A 192 5.85 2.05 -23.40
N ARG A 193 6.88 1.68 -22.67
CA ARG A 193 8.09 2.48 -22.65
C ARG A 193 8.85 2.26 -23.96
N TYR A 194 9.22 3.33 -24.64
CA TYR A 194 9.96 3.18 -25.90
C TYR A 194 11.45 3.35 -25.64
N THR A 195 11.88 2.86 -24.48
CA THR A 195 13.28 2.70 -24.15
C THR A 195 13.49 1.37 -23.42
N PHE A 196 14.75 1.05 -23.11
CA PHE A 196 15.02 -0.17 -22.35
C PHE A 196 15.01 0.04 -20.84
N ASP A 197 14.57 1.22 -20.39
CA ASP A 197 14.56 1.52 -18.96
C ASP A 197 13.50 0.70 -18.24
N ASN A 198 13.92 -0.19 -17.34
CA ASN A 198 12.95 -1.01 -16.63
C ASN A 198 12.92 -0.75 -15.13
N ARG A 199 13.40 0.42 -14.69
CA ARG A 199 13.23 0.79 -13.30
C ARG A 199 11.72 0.93 -13.04
N TYR A 200 11.19 0.22 -12.04
CA TYR A 200 9.74 0.15 -11.86
C TYR A 200 9.11 1.49 -11.49
N PHE A 201 9.62 2.12 -10.44
CA PHE A 201 9.10 3.42 -10.02
C PHE A 201 9.91 4.56 -10.63
N ASN A 202 9.27 5.72 -10.81
CA ASN A 202 10.00 6.88 -11.31
C ASN A 202 10.07 8.00 -10.28
N ASP A 203 10.02 7.67 -9.00
CA ASP A 203 10.11 8.71 -7.98
C ASP A 203 11.56 9.14 -7.80
N THR A 204 11.74 10.36 -7.31
CA THR A 204 13.06 10.91 -7.02
C THR A 204 13.83 10.10 -5.97
N TYR A 205 13.14 9.66 -4.91
CA TYR A 205 13.81 8.95 -3.81
C TYR A 205 13.26 7.55 -3.65
N GLU A 206 14.13 6.59 -3.39
CA GLU A 206 13.74 5.19 -3.28
C GLU A 206 14.77 4.42 -2.49
N GLY A 207 14.32 3.45 -1.70
CA GLY A 207 15.21 2.58 -0.98
C GLY A 207 14.44 1.68 -0.02
N LEU A 208 15.17 0.82 0.68
CA LEU A 208 14.58 -0.02 1.72
C LEU A 208 15.26 0.28 3.06
N PRO A 209 14.51 0.22 4.16
CA PRO A 209 15.07 0.59 5.45
C PRO A 209 16.17 -0.37 5.84
N VAL A 210 17.32 0.16 6.22
CA VAL A 210 18.50 -0.67 6.45
C VAL A 210 18.31 -1.68 7.58
N GLU A 211 17.68 -1.29 8.67
CA GLU A 211 17.42 -2.23 9.78
C GLU A 211 16.01 -2.82 9.68
N GLY A 212 15.34 -2.59 8.55
CA GLY A 212 14.05 -3.17 8.30
C GLY A 212 12.91 -2.29 8.74
N TYR A 213 11.70 -2.63 8.33
CA TYR A 213 10.56 -1.76 8.59
C TYR A 213 10.20 -1.67 10.08
N THR A 214 10.24 -2.80 10.79
CA THR A 214 9.82 -2.77 12.17
C THR A 214 10.70 -1.86 13.04
N LYS A 215 12.01 -1.90 12.84
CA LYS A 215 12.90 -1.02 13.60
C LYS A 215 12.55 0.45 13.30
N TRP A 216 12.27 0.72 12.05
CA TRP A 216 11.94 2.06 11.59
C TRP A 216 10.71 2.55 12.37
N LEU A 217 9.66 1.74 12.37
CA LEU A 217 8.44 2.11 13.05
C LEU A 217 8.66 2.22 14.57
N GLU A 218 9.45 1.32 15.15
CA GLU A 218 9.75 1.41 16.57
C GLU A 218 10.46 2.71 16.91
N ASN A 219 11.33 3.19 16.02
CA ASN A 219 12.02 4.45 16.26
C ASN A 219 11.03 5.62 16.28
N MET A 220 10.01 5.53 15.44
CA MET A 220 9.00 6.58 15.37
C MET A 220 8.22 6.67 16.67
N ALA A 221 8.15 5.56 17.39
CA ALA A 221 7.39 5.51 18.64
C ALA A 221 8.31 5.60 19.86
N ALA A 222 9.60 5.86 19.63
CA ALA A 222 10.59 5.78 20.69
C ALA A 222 10.42 6.82 21.81
N ASP A 223 9.94 8.02 21.49
CA ASP A 223 9.84 9.09 22.48
C ASP A 223 9.09 8.69 23.76
N GLU A 224 9.65 9.10 24.90
CA GLU A 224 9.14 8.73 26.22
C GLU A 224 7.67 9.11 26.41
N ARG A 225 7.25 10.15 25.68
CA ARG A 225 5.91 10.69 25.86
C ARG A 225 4.88 9.94 25.04
N ILE A 226 5.32 8.88 24.36
CA ILE A 226 4.43 8.02 23.60
C ILE A 226 4.30 6.65 24.27
N GLU A 227 3.08 6.28 24.63
CA GLU A 227 2.81 4.92 25.06
C GLU A 227 2.07 4.16 23.98
N VAL A 228 2.50 2.92 23.74
CA VAL A 228 1.85 2.05 22.78
C VAL A 228 1.24 0.86 23.50
N ARG A 229 -0.08 0.72 23.42
CA ARG A 229 -0.73 -0.45 24.02
C ARG A 229 -1.20 -1.38 22.93
N LEU A 230 -0.57 -2.55 22.88
CA LEU A 230 -0.85 -3.57 21.88
C LEU A 230 -2.05 -4.40 22.29
N ASP A 231 -2.56 -5.21 21.35
CA ASP A 231 -3.63 -6.16 21.64
C ASP A 231 -4.86 -5.48 22.20
N THR A 232 -5.08 -4.23 21.82
CA THR A 232 -6.14 -3.45 22.44
C THR A 232 -7.05 -2.83 21.41
N ASP A 233 -8.34 -3.10 21.53
CA ASP A 233 -9.29 -2.53 20.60
C ASP A 233 -9.86 -1.25 21.20
N TRP A 234 -9.79 -0.18 20.42
CA TRP A 234 -10.22 1.14 20.86
C TRP A 234 -11.64 1.10 21.39
N PHE A 235 -12.48 0.33 20.72
CA PHE A 235 -13.88 0.34 21.06
C PHE A 235 -14.13 -0.35 22.41
N ASP A 236 -13.19 -1.19 22.84
CA ASP A 236 -13.27 -1.88 24.13
C ASP A 236 -12.87 -0.96 25.29
N VAL A 237 -12.12 0.10 24.98
CA VAL A 237 -11.48 0.88 26.03
C VAL A 237 -11.77 2.38 25.99
N ARG A 238 -12.36 2.86 24.90
CA ARG A 238 -12.46 4.31 24.70
C ARG A 238 -13.24 5.04 25.80
N ASP A 239 -14.38 4.49 26.21
CA ASP A 239 -15.27 5.20 27.15
C ASP A 239 -14.56 5.55 28.45
N ASP A 240 -13.76 4.63 28.98
CA ASP A 240 -13.10 4.94 30.25
C ASP A 240 -11.80 5.69 30.04
N LEU A 241 -11.21 5.52 28.87
CA LEU A 241 -10.02 6.29 28.51
C LEU A 241 -10.38 7.77 28.33
N ARG A 242 -11.50 8.04 27.65
CA ARG A 242 -11.94 9.42 27.42
C ARG A 242 -12.59 10.02 28.67
N ALA A 243 -13.19 9.18 29.52
CA ALA A 243 -13.65 9.66 30.83
C ALA A 243 -12.45 10.12 31.67
N ALA A 244 -11.31 9.48 31.45
CA ALA A 244 -10.06 9.81 32.13
C ALA A 244 -9.51 11.16 31.69
N ASN A 245 -9.63 11.41 30.38
N ASN A 245 -9.48 11.45 30.40
CA ASN A 245 -9.10 12.60 29.73
CA ASN A 245 -9.14 12.82 30.02
C ASN A 245 -10.12 13.19 28.75
C ASN A 245 -10.04 13.27 28.89
N PRO A 246 -11.11 13.96 29.26
CA PRO A 246 -12.20 14.41 28.41
C PRO A 246 -11.77 15.38 27.31
N ASP A 247 -10.75 16.18 27.55
CA ASP A 247 -10.36 17.18 26.56
C ASP A 247 -9.36 16.64 25.54
N ALA A 248 -9.01 15.36 25.67
CA ALA A 248 -8.13 14.69 24.71
C ALA A 248 -8.80 14.45 23.36
N PRO A 249 -8.23 15.00 22.28
CA PRO A 249 -8.73 14.70 20.94
C PRO A 249 -8.33 13.30 20.51
N VAL A 250 -9.04 12.74 19.53
CA VAL A 250 -8.74 11.41 19.03
C VAL A 250 -8.44 11.44 17.53
N VAL A 251 -7.36 10.80 17.12
CA VAL A 251 -7.08 10.53 15.71
C VAL A 251 -7.26 9.02 15.46
N TYR A 252 -8.31 8.69 14.72
CA TYR A 252 -8.72 7.30 14.51
C TYR A 252 -8.38 6.88 13.10
N THR A 253 -7.60 5.81 12.97
CA THR A 253 -7.19 5.34 11.66
C THR A 253 -7.68 3.90 11.40
N GLY A 254 -8.63 3.44 12.21
CA GLY A 254 -9.30 2.18 11.93
C GLY A 254 -10.42 2.34 10.92
N PRO A 255 -11.18 1.25 10.67
CA PRO A 255 -12.20 1.30 9.62
C PRO A 255 -13.30 2.29 9.93
N LEU A 256 -13.64 3.06 8.90
CA LEU A 256 -14.62 4.13 9.00
C LEU A 256 -16.03 3.59 9.25
N ASP A 257 -16.39 2.54 8.54
CA ASP A 257 -17.74 2.01 8.68
C ASP A 257 -17.94 1.38 10.05
N ARG A 258 -16.91 0.69 10.55
CA ARG A 258 -17.01 0.09 11.87
C ARG A 258 -17.20 1.15 12.96
N TYR A 259 -16.53 2.29 12.83
CA TYR A 259 -16.64 3.34 13.83
C TYR A 259 -18.11 3.73 14.08
N PHE A 260 -18.91 3.75 13.02
CA PHE A 260 -20.31 4.13 13.17
C PHE A 260 -21.22 2.92 13.11
N ASP A 261 -20.71 1.79 13.62
CA ASP A 261 -21.46 0.53 13.71
C ASP A 261 -22.10 0.11 12.40
N TYR A 262 -21.41 0.36 11.30
CA TYR A 262 -21.87 -0.09 9.99
C TYR A 262 -23.28 0.43 9.64
N ALA A 263 -23.66 1.53 10.28
CA ALA A 263 -25.01 2.08 10.15
C ALA A 263 -25.39 2.49 8.73
N GLU A 264 -24.40 2.66 7.86
CA GLU A 264 -24.69 3.04 6.48
C GLU A 264 -24.41 1.88 5.54
N GLY A 265 -24.01 0.75 6.12
CA GLY A 265 -23.63 -0.40 5.32
C GLY A 265 -22.14 -0.64 5.40
N ARG A 266 -21.67 -1.75 4.85
CA ARG A 266 -20.25 -2.06 4.90
C ARG A 266 -19.56 -1.56 3.64
N LEU A 267 -18.41 -0.92 3.80
CA LEU A 267 -17.59 -0.53 2.66
C LEU A 267 -16.93 -1.79 2.06
N GLY A 268 -16.93 -1.90 0.74
CA GLY A 268 -16.34 -3.05 0.09
C GLY A 268 -14.82 -2.94 -0.08
N TRP A 269 -14.11 -4.01 0.23
CA TRP A 269 -12.65 -4.05 0.04
C TRP A 269 -12.22 -5.30 -0.70
N ARG A 270 -11.00 -5.25 -1.23
N ARG A 270 -11.01 -5.26 -1.26
CA ARG A 270 -10.30 -6.43 -1.74
CA ARG A 270 -10.33 -6.46 -1.75
C ARG A 270 -9.28 -6.85 -0.71
C ARG A 270 -9.27 -6.84 -0.73
N THR A 271 -9.03 -8.14 -0.60
CA THR A 271 -8.01 -8.62 0.31
C THR A 271 -6.93 -9.36 -0.47
N LEU A 272 -5.95 -9.85 0.28
CA LEU A 272 -4.87 -10.64 -0.31
C LEU A 272 -4.65 -11.84 0.60
N ASP A 273 -4.36 -13.00 0.01
CA ASP A 273 -3.96 -14.17 0.77
C ASP A 273 -2.49 -14.41 0.46
N PHE A 274 -1.72 -14.84 1.46
CA PHE A 274 -0.30 -15.13 1.22
C PHE A 274 0.04 -16.53 1.66
N GLU A 275 0.93 -17.17 0.92
CA GLU A 275 1.48 -18.45 1.35
C GLU A 275 2.99 -18.32 1.42
N LEU A 276 3.51 -18.42 2.63
CA LEU A 276 4.93 -18.36 2.89
C LEU A 276 5.55 -19.75 2.77
N GLU A 277 6.65 -19.89 2.04
CA GLU A 277 7.28 -21.19 1.95
C GLU A 277 8.79 -21.05 2.02
N VAL A 278 9.40 -21.90 2.85
CA VAL A 278 10.84 -21.97 2.92
C VAL A 278 11.32 -23.13 2.06
N LEU A 279 12.19 -22.85 1.09
CA LEU A 279 12.66 -23.90 0.19
C LEU A 279 14.13 -24.24 0.47
N GLU A 280 14.52 -25.48 0.17
CA GLU A 280 15.90 -25.91 0.37
C GLU A 280 16.76 -25.61 -0.86
N THR A 281 16.71 -24.38 -1.31
CA THR A 281 17.67 -23.87 -2.28
C THR A 281 18.06 -22.49 -1.81
N GLY A 282 19.25 -22.04 -2.18
CA GLY A 282 19.68 -20.70 -1.83
C GLY A 282 18.98 -19.63 -2.63
N ASP A 283 18.45 -19.99 -3.79
CA ASP A 283 17.84 -18.98 -4.67
C ASP A 283 16.78 -19.60 -5.58
N PHE A 284 15.53 -19.17 -5.41
CA PHE A 284 14.40 -19.73 -6.14
C PHE A 284 14.15 -19.08 -7.50
N GLN A 285 14.31 -17.76 -7.61
CA GLN A 285 13.97 -17.08 -8.87
C GLN A 285 14.88 -15.92 -9.25
N GLY A 286 15.89 -15.64 -8.44
CA GLY A 286 16.94 -14.71 -8.81
C GLY A 286 16.53 -13.24 -8.88
N THR A 287 15.37 -12.90 -8.34
CA THR A 287 14.89 -11.53 -8.39
C THR A 287 13.81 -11.38 -7.32
N PRO A 288 13.56 -10.14 -6.85
CA PRO A 288 12.63 -10.02 -5.72
C PRO A 288 11.20 -10.40 -6.06
N VAL A 289 10.73 -10.02 -7.25
CA VAL A 289 9.31 -10.23 -7.55
C VAL A 289 9.13 -10.72 -8.96
N MET A 290 8.44 -11.85 -9.07
CA MET A 290 8.06 -12.39 -10.37
C MET A 290 6.53 -12.40 -10.52
N ASN A 291 6.01 -11.61 -11.46
CA ASN A 291 4.59 -11.65 -11.83
C ASN A 291 4.26 -12.91 -12.62
N TYR A 292 3.12 -13.52 -12.34
CA TYR A 292 2.69 -14.66 -13.13
C TYR A 292 1.46 -14.28 -13.92
N ASN A 293 1.65 -14.11 -15.23
CA ASN A 293 0.61 -13.53 -16.08
C ASN A 293 -0.37 -14.55 -16.63
N ASP A 294 -0.09 -15.83 -16.44
CA ASP A 294 -0.93 -16.87 -17.05
C ASP A 294 -1.96 -17.41 -16.07
N LEU A 295 -3.01 -18.01 -16.63
CA LEU A 295 -4.15 -18.49 -15.86
C LEU A 295 -3.87 -19.87 -15.27
N ASP A 296 -2.79 -20.50 -15.69
CA ASP A 296 -2.53 -21.88 -15.24
C ASP A 296 -1.98 -21.93 -13.82
N VAL A 297 -1.68 -20.78 -13.22
CA VAL A 297 -1.38 -20.74 -11.79
C VAL A 297 -2.25 -19.69 -11.14
N PRO A 298 -2.73 -19.99 -9.93
CA PRO A 298 -3.72 -19.14 -9.24
C PRO A 298 -3.11 -17.89 -8.60
N TYR A 299 -1.83 -17.90 -8.26
CA TYR A 299 -1.24 -16.71 -7.65
C TYR A 299 -0.96 -15.67 -8.73
N THR A 300 -0.90 -14.42 -8.30
CA THR A 300 -0.54 -13.31 -9.18
C THR A 300 0.97 -13.10 -9.26
N ARG A 301 1.65 -13.26 -8.13
CA ARG A 301 3.07 -12.92 -7.97
C ARG A 301 3.74 -13.84 -6.96
N ILE A 302 5.05 -14.01 -7.09
CA ILE A 302 5.87 -14.65 -6.05
C ILE A 302 6.97 -13.69 -5.61
N HIS A 303 7.04 -13.43 -4.31
CA HIS A 303 8.09 -12.61 -3.73
C HIS A 303 9.17 -13.49 -3.16
N GLU A 304 10.43 -13.13 -3.36
CA GLU A 304 11.53 -13.87 -2.72
C GLU A 304 12.35 -12.89 -1.90
N PHE A 305 12.24 -12.96 -0.57
CA PHE A 305 12.62 -11.79 0.24
C PHE A 305 14.11 -11.55 0.41
N ARG A 306 14.93 -12.58 0.19
CA ARG A 306 16.37 -12.40 0.29
C ARG A 306 16.85 -11.31 -0.68
N HIS A 307 16.17 -11.17 -1.81
CA HIS A 307 16.63 -10.22 -2.82
C HIS A 307 16.26 -8.78 -2.51
N PHE A 308 15.39 -8.55 -1.53
CA PHE A 308 15.08 -7.18 -1.11
C PHE A 308 16.28 -6.57 -0.41
N HIS A 309 17.11 -7.41 0.21
CA HIS A 309 18.29 -6.94 0.95
C HIS A 309 19.53 -7.72 0.61
N PRO A 310 20.04 -7.56 -0.63
CA PRO A 310 21.27 -8.25 -1.03
C PRO A 310 22.46 -7.93 -0.14
N GLU A 311 22.45 -6.77 0.50
CA GLU A 311 23.57 -6.37 1.35
C GLU A 311 23.65 -7.20 2.61
N ARG A 312 22.60 -7.95 2.91
CA ARG A 312 22.58 -8.77 4.12
C ARG A 312 23.23 -10.12 3.86
N THR A 313 23.88 -10.66 4.88
CA THR A 313 24.49 -11.96 4.76
C THR A 313 23.48 -13.05 5.15
N TYR A 314 22.60 -13.37 4.22
CA TYR A 314 21.58 -14.40 4.41
C TYR A 314 22.13 -15.80 4.07
N PRO A 315 21.50 -16.87 4.59
CA PRO A 315 22.08 -18.19 4.37
C PRO A 315 22.06 -18.61 2.90
N THR A 316 22.82 -19.65 2.58
CA THR A 316 23.14 -20.01 1.20
C THR A 316 22.38 -21.22 0.69
N ASP A 317 21.70 -21.91 1.60
CA ASP A 317 21.11 -23.20 1.26
C ASP A 317 19.59 -23.18 1.41
N LYS A 318 19.06 -22.04 1.87
CA LYS A 318 17.62 -21.87 2.03
C LYS A 318 17.18 -20.50 1.56
N THR A 319 15.94 -20.38 1.14
CA THR A 319 15.35 -19.08 0.84
C THR A 319 13.88 -19.16 1.23
N VAL A 320 13.26 -18.01 1.50
CA VAL A 320 11.83 -17.99 1.78
C VAL A 320 11.11 -17.26 0.65
N ILE A 321 10.04 -17.83 0.14
CA ILE A 321 9.24 -17.17 -0.87
C ILE A 321 7.85 -16.93 -0.35
N MET A 322 7.10 -16.07 -1.05
CA MET A 322 5.73 -15.79 -0.68
C MET A 322 4.85 -15.72 -1.93
N ARG A 323 3.86 -16.60 -2.00
CA ARG A 323 2.89 -16.56 -3.07
C ARG A 323 1.75 -15.64 -2.68
N GLU A 324 1.33 -14.78 -3.60
CA GLU A 324 0.27 -13.80 -3.34
C GLU A 324 -0.96 -14.11 -4.18
N TYR A 325 -2.16 -14.02 -3.58
CA TYR A 325 -3.42 -14.32 -4.24
C TYR A 325 -4.42 -13.19 -3.95
N SER A 326 -5.22 -12.82 -4.95
CA SER A 326 -6.25 -11.76 -4.78
C SER A 326 -7.62 -12.36 -4.56
N ARG A 327 -8.42 -11.70 -3.72
CA ARG A 327 -9.71 -12.18 -3.30
C ARG A 327 -10.55 -10.98 -2.88
N PHE A 328 -11.85 -11.00 -3.14
CA PHE A 328 -12.72 -10.03 -2.46
C PHE A 328 -12.66 -10.27 -0.95
N ALA A 329 -12.70 -9.20 -0.16
CA ALA A 329 -12.63 -9.34 1.29
C ALA A 329 -13.99 -9.73 1.84
N ASP A 330 -14.01 -10.75 2.69
CA ASP A 330 -15.19 -11.07 3.48
C ASP A 330 -15.18 -10.13 4.67
N ASN A 331 -16.20 -10.21 5.52
CA ASN A 331 -16.31 -9.24 6.61
C ASN A 331 -15.10 -9.21 7.50
N ASP A 332 -14.45 -10.35 7.69
CA ASP A 332 -13.37 -10.42 8.66
C ASP A 332 -12.00 -10.62 8.03
N ASP A 333 -11.91 -10.44 6.72
CA ASP A 333 -10.60 -10.45 6.05
C ASP A 333 -9.91 -9.11 6.27
N GLU A 334 -8.58 -9.11 6.21
CA GLU A 334 -7.81 -7.88 6.17
C GLU A 334 -8.19 -7.06 4.96
N PRO A 335 -8.62 -5.80 5.17
CA PRO A 335 -8.95 -4.95 4.03
C PRO A 335 -7.73 -4.25 3.45
N TYR A 336 -7.45 -4.46 2.16
CA TYR A 336 -6.26 -3.87 1.54
C TYR A 336 -6.58 -2.80 0.49
N TYR A 337 -7.45 -3.09 -0.47
CA TYR A 337 -7.78 -2.11 -1.49
C TYR A 337 -9.27 -1.81 -1.55
N PRO A 338 -9.64 -0.52 -1.51
CA PRO A 338 -11.05 -0.19 -1.65
C PRO A 338 -11.58 -0.65 -3.01
N ILE A 339 -12.76 -1.24 -3.04
CA ILE A 339 -13.34 -1.66 -4.30
C ILE A 339 -13.83 -0.44 -5.06
N ASN A 340 -14.49 0.46 -4.33
CA ASN A 340 -14.89 1.76 -4.87
C ASN A 340 -15.97 1.71 -5.97
N THR A 341 -17.01 0.92 -5.76
CA THR A 341 -18.17 1.00 -6.64
C THR A 341 -18.89 2.31 -6.43
N GLU A 342 -19.83 2.65 -7.32
CA GLU A 342 -20.66 3.83 -7.09
C GLU A 342 -21.39 3.71 -5.76
N ALA A 343 -21.94 2.53 -5.52
CA ALA A 343 -22.54 2.22 -4.24
C ALA A 343 -21.60 2.51 -3.07
N ASP A 344 -20.35 2.07 -3.19
CA ASP A 344 -19.37 2.30 -2.13
C ASP A 344 -19.16 3.79 -1.91
N ARG A 345 -19.07 4.53 -3.00
CA ARG A 345 -18.84 5.96 -2.89
C ARG A 345 -20.02 6.68 -2.26
N ALA A 346 -21.23 6.18 -2.50
CA ALA A 346 -22.41 6.74 -1.84
C ALA A 346 -22.40 6.37 -0.37
N VAL A 347 -21.97 5.15 -0.06
CA VAL A 347 -21.84 4.76 1.33
C VAL A 347 -20.77 5.59 2.04
N LEU A 348 -19.62 5.74 1.40
CA LEU A 348 -18.57 6.59 1.92
C LEU A 348 -19.12 7.98 2.21
N ALA A 349 -19.78 8.57 1.22
CA ALA A 349 -20.34 9.92 1.36
C ALA A 349 -21.10 10.11 2.68
N ALA A 350 -21.94 9.13 3.00
CA ALA A 350 -22.70 9.19 4.25
C ALA A 350 -21.80 9.16 5.49
N TYR A 351 -20.74 8.35 5.45
CA TYR A 351 -19.87 8.18 6.61
C TYR A 351 -19.00 9.40 6.87
N ARG A 352 -18.63 10.13 5.82
CA ARG A 352 -17.83 11.34 6.04
C ARG A 352 -18.68 12.47 6.58
N ALA A 353 -19.96 12.48 6.25
CA ALA A 353 -20.89 13.39 6.90
C ALA A 353 -20.97 13.08 8.39
N ARG A 354 -21.12 11.80 8.72
CA ARG A 354 -21.09 11.35 10.12
C ARG A 354 -19.78 11.73 10.79
N ALA A 355 -18.68 11.57 10.05
CA ALA A 355 -17.36 11.81 10.59
C ALA A 355 -17.18 13.29 10.90
N LYS A 356 -17.70 14.15 10.02
CA LYS A 356 -17.58 15.59 10.22
C LYS A 356 -18.36 16.00 11.47
N ALA A 357 -19.50 15.37 11.70
CA ALA A 357 -20.30 15.63 12.89
C ALA A 357 -19.63 15.09 14.16
N GLU A 358 -18.99 13.93 14.04
CA GLU A 358 -18.26 13.37 15.18
C GLU A 358 -17.04 14.23 15.52
N THR A 359 -16.39 14.76 14.49
CA THR A 359 -15.28 15.68 14.68
C THR A 359 -15.71 16.90 15.48
N ALA A 360 -16.80 17.52 15.05
CA ALA A 360 -17.29 18.74 15.69
C ALA A 360 -17.77 18.50 17.12
N SER A 361 -18.37 17.34 17.37
CA SER A 361 -19.01 17.09 18.66
C SER A 361 -18.16 16.29 19.63
N ALA A 362 -17.20 15.54 19.13
CA ALA A 362 -16.47 14.60 19.99
C ALA A 362 -14.96 14.68 19.84
N LYS A 363 -14.49 15.61 19.01
CA LYS A 363 -13.07 15.90 18.89
C LYS A 363 -12.29 14.72 18.28
N VAL A 364 -12.96 14.02 17.35
CA VAL A 364 -12.38 12.84 16.72
C VAL A 364 -12.04 13.12 15.27
N LEU A 365 -10.76 13.00 14.93
CA LEU A 365 -10.32 13.13 13.55
C LEU A 365 -10.25 11.75 12.91
N PHE A 366 -10.45 11.69 11.60
CA PHE A 366 -10.39 10.42 10.88
C PHE A 366 -9.28 10.46 9.86
N GLY A 367 -8.37 9.50 9.91
CA GLY A 367 -7.23 9.52 9.01
C GLY A 367 -6.76 8.17 8.54
N GLY A 368 -5.83 8.17 7.60
CA GLY A 368 -5.22 6.95 7.14
C GLY A 368 -6.03 6.17 6.11
N ARG A 369 -5.45 5.04 5.71
CA ARG A 369 -6.03 4.12 4.74
C ARG A 369 -7.45 3.65 5.15
N LEU A 370 -7.61 3.15 6.38
CA LEU A 370 -8.89 2.63 6.84
C LEU A 370 -9.85 3.76 7.22
N GLY A 371 -9.31 4.83 7.79
CA GLY A 371 -10.15 5.92 8.24
C GLY A 371 -10.77 6.74 7.14
N THR A 372 -10.27 6.57 5.92
CA THR A 372 -10.75 7.42 4.82
C THR A 372 -11.17 6.59 3.61
N TYR A 373 -11.11 5.27 3.73
CA TYR A 373 -11.47 4.35 2.64
C TYR A 373 -10.66 4.66 1.41
N GLN A 374 -9.35 4.56 1.53
CA GLN A 374 -8.44 4.94 0.46
C GLN A 374 -7.23 4.01 0.43
N TYR A 375 -6.75 3.63 -0.76
CA TYR A 375 -5.43 3.01 -0.77
C TYR A 375 -4.39 4.12 -0.58
N LEU A 376 -3.46 3.97 0.36
CA LEU A 376 -2.37 4.94 0.50
C LEU A 376 -1.04 4.23 0.55
N ASP A 377 -0.12 4.62 -0.33
CA ASP A 377 1.29 4.27 -0.18
C ASP A 377 1.82 4.83 1.12
N MET A 378 2.91 4.24 1.61
CA MET A 378 3.55 4.71 2.84
C MET A 378 3.85 6.20 2.84
N HIS A 379 4.45 6.69 1.76
CA HIS A 379 4.84 8.10 1.74
C HIS A 379 3.60 9.00 1.67
N MET A 380 2.54 8.50 1.04
CA MET A 380 1.32 9.30 0.97
C MET A 380 0.58 9.32 2.33
N ALA A 381 0.68 8.23 3.07
CA ALA A 381 0.11 8.21 4.43
C ALA A 381 0.87 9.18 5.32
N ILE A 382 2.19 9.12 5.26
CA ILE A 382 3.01 10.03 6.02
C ILE A 382 2.70 11.49 5.65
N ALA A 383 2.65 11.79 4.34
CA ALA A 383 2.41 13.16 3.90
C ALA A 383 1.07 13.64 4.44
N SER A 384 0.10 12.73 4.41
CA SER A 384 -1.25 12.99 4.88
C SER A 384 -1.29 13.33 6.37
N ALA A 385 -0.51 12.58 7.15
CA ALA A 385 -0.49 12.78 8.60
C ALA A 385 0.24 14.06 8.97
N LEU A 386 1.37 14.33 8.31
CA LEU A 386 2.10 15.60 8.50
C LEU A 386 1.20 16.79 8.23
N SER A 387 0.34 16.63 7.24
CA SER A 387 -0.55 17.71 6.87
C SER A 387 -1.68 17.86 7.89
N MET A 388 -2.28 16.74 8.31
CA MET A 388 -3.29 16.80 9.36
C MET A 388 -2.69 17.44 10.61
N PHE A 389 -1.44 17.12 10.90
CA PHE A 389 -0.79 17.67 12.08
C PHE A 389 -0.63 19.18 11.98
N ASP A 390 0.03 19.60 10.90
CA ASP A 390 0.34 21.00 10.70
C ASP A 390 -0.90 21.87 10.58
N ASN A 391 -1.92 21.38 9.89
CA ASN A 391 -3.01 22.28 9.50
C ASN A 391 -4.28 22.15 10.35
N VAL A 392 -4.40 21.07 11.11
CA VAL A 392 -5.62 20.83 11.86
C VAL A 392 -5.33 20.60 13.33
N LEU A 393 -4.48 19.61 13.62
CA LEU A 393 -4.31 19.12 15.00
C LEU A 393 -3.38 19.98 15.85
N ALA A 394 -2.20 20.29 15.35
CA ALA A 394 -1.28 21.15 16.12
C ALA A 394 -1.90 22.52 16.49
N PRO A 395 -2.54 23.22 15.53
CA PRO A 395 -3.22 24.45 15.91
C PRO A 395 -4.20 24.26 17.07
N HIS A 396 -4.94 23.17 17.05
CA HIS A 396 -5.85 22.85 18.15
C HIS A 396 -5.12 22.66 19.46
N LEU A 397 -4.14 21.75 19.47
CA LEU A 397 -3.40 21.43 20.68
C LEU A 397 -2.64 22.62 21.27
N SER A 398 -2.14 23.49 20.40
CA SER A 398 -1.28 24.59 20.81
C SER A 398 -2.05 25.86 21.13
N GLU A 399 -3.04 26.17 20.30
CA GLU A 399 -3.69 27.47 20.36
C GLU A 399 -5.21 27.37 20.40
N GLY A 400 -5.72 26.20 20.76
CA GLY A 400 -7.13 26.00 21.01
C GLY A 400 -8.03 26.17 19.80
N ALA A 401 -7.43 26.21 18.61
CA ALA A 401 -8.17 26.35 17.36
C ALA A 401 -9.19 25.23 17.20
N SER A 402 -10.22 25.49 16.41
CA SER A 402 -11.28 24.51 16.19
C SER A 402 -10.81 23.39 15.27
N LEU A 403 -11.35 22.19 15.49
CA LEU A 403 -11.02 21.07 14.61
C LEU A 403 -11.94 21.06 13.40
N VAL A 404 -12.92 21.97 13.39
CA VAL A 404 -13.81 22.09 12.26
C VAL A 404 -13.13 22.85 11.11
N THR A 405 -13.13 22.22 9.95
CA THR A 405 -12.41 22.71 8.78
C THR A 405 -13.16 23.82 8.05
PA FAD B . -2.36 0.82 8.44
O1A FAD B . -0.92 0.46 8.16
O2A FAD B . -3.34 -0.32 8.05
O5B FAD B . -2.46 1.05 10.03
C5B FAD B . -3.74 0.85 10.58
C4B FAD B . -3.60 0.35 12.04
O4B FAD B . -4.72 0.64 12.65
C3B FAD B . -3.52 -1.16 12.04
O3B FAD B . -2.44 -1.57 12.75
C2B FAD B . -4.83 -1.61 12.77
O2B FAD B . -4.55 -2.87 13.51
C1B FAD B . -5.07 -0.63 13.56
N9A FAD B . -6.44 -0.65 13.96
C8A FAD B . -7.46 -0.82 13.10
N7A FAD B . -8.62 -0.81 13.83
C5A FAD B . -8.29 -0.64 15.15
C6A FAD B . -9.09 -0.56 16.31
N6A FAD B . -10.53 -0.63 16.47
N1A FAD B . -8.54 -0.38 17.53
C2A FAD B . -7.15 -0.28 17.65
N3A FAD B . -6.37 -0.34 16.50
C4A FAD B . -6.95 -0.53 15.26
N1 FAD B . 3.00 1.49 0.58
C2 FAD B . 4.22 1.90 -0.13
O2 FAD B . 4.65 3.02 -0.03
N3 FAD B . 4.97 0.93 -0.95
C4 FAD B . 4.49 -0.40 -1.07
O4 FAD B . 5.08 -1.24 -1.75
C4X FAD B . 3.25 -0.78 -0.38
N5 FAD B . 2.81 -2.12 -0.53
C5X FAD B . 1.60 -2.53 0.13
C6 FAD B . 1.18 -3.86 -0.04
C7 FAD B . 0.02 -4.28 0.60
C7M FAD B . -0.12 -5.72 0.20
C8 FAD B . -0.71 -3.36 1.41
C8M FAD B . -1.96 -3.89 2.07
C9 FAD B . -0.29 -2.05 1.58
C9A FAD B . 0.87 -1.62 0.94
N10 FAD B . 1.32 -0.26 1.11
C10 FAD B . 2.52 0.16 0.44
C1' FAD B . 0.54 0.69 1.98
C2' FAD B . 1.26 0.67 3.39
O2' FAD B . 0.91 -0.45 4.13
C3' FAD B . 1.04 1.93 4.21
O3' FAD B . 2.03 2.08 5.24
C4' FAD B . -0.28 1.92 4.92
O4' FAD B . -1.30 2.20 4.01
C5' FAD B . -0.20 3.02 5.94
O5' FAD B . -1.48 3.65 6.06
P FAD B . -2.23 3.56 7.46
O1P FAD B . -1.24 3.90 8.57
O2P FAD B . -3.39 4.50 7.45
O3P FAD B . -2.85 2.10 7.60
MG MG C . -15.66 -14.09 -0.17
S DMS D . -6.30 -4.01 -7.08
O DMS D . -6.81 -4.70 -8.35
C1 DMS D . -4.60 -3.17 -7.53
C2 DMS D . -7.40 -2.40 -6.86
S DMS E . 6.70 -22.27 -6.09
O DMS E . 5.34 -22.02 -5.42
C1 DMS E . 7.43 -23.92 -5.32
C2 DMS E . 6.38 -22.95 -7.88
#